data_1LPN
#
_entry.id   1LPN
#
_cell.length_a   65.000
_cell.length_b   97.400
_cell.length_c   176.400
_cell.angle_alpha   90.00
_cell.angle_beta   90.00
_cell.angle_gamma   90.00
#
_symmetry.space_group_name_H-M   'C 2 2 21'
#
loop_
_entity.id
_entity.type
_entity.pdbx_description
1 polymer LIPASE
2 branched 2-acetamido-2-deoxy-beta-D-glucopyranose-(1-4)-2-acetamido-2-deoxy-beta-D-glucopyranose
3 non-polymer 2-acetamido-2-deoxy-beta-D-glucopyranose
4 non-polymer 'CALCIUM ION'
5 non-polymer 'DODECANESULFONATE ION'
6 water water
#
_entity_poly.entity_id   1
_entity_poly.type   'polypeptide(L)'
_entity_poly.pdbx_seq_one_letter_code
;MELALALSLIASVAAAPTATLANGDTITGLNAIINEAFLGIPFAEPPVGNLRFKDPVPYSGSLDGQKFTSYGPSCMQQNP
EGTYEENLPKAALDLVMQSKVFEAVSPSSEDCLTINVVRPPGTKAGANLPVMLWIFGGGFEVGGTSTFPPAQMITKSIAM
GKPIIHVSVNYRVSSWGFLAGDEIKAEGSANAGLKDQRLGMQWVADNIAAFGGDPTKVTIFGESAGSMSVMCHILWNDGD
NTYKGKPLFRAGIMQSGAMVPSDAVDGIYGNEIFDLLASNAGCGSASDKLACLRGVSSDTLEDATNNTPGFLAYSSLRLS
YLPRPDGVNITDDMYALVREGKYANIPVIIGDQNDEGTFFGTSSLNVTTDAQAREYFKQSFVHASDAEIDTLMTAYPGDI
TQGSPFDTGILNALTPQFKRISAVLGDLGFTLARRYFLNHYTGGTKYSFLSKQLSGLPVLGTFHSNDIVFQDYLLGSGSL
IYNNAFIAFATDLDPNTAGLLVKWPEYTSSSQSGNNLMMINALGLYTGKDNFRTAGYDALFSNPPSFFV
;
_entity_poly.pdbx_strand_id   A
#
loop_
_chem_comp.id
_chem_comp.type
_chem_comp.name
_chem_comp.formula
CA non-polymer 'CALCIUM ION' 'Ca 2'
DSC non-polymer 'DODECANESULFONATE ION' 'C12 H25 O3 S -1'
NAG D-saccharide, beta linking 2-acetamido-2-deoxy-beta-D-glucopyranose 'C8 H15 N O6'
#
# COMPACT_ATOMS: atom_id res chain seq x y z
N ALA A 16 -9.35 -31.41 7.23
CA ALA A 16 -10.46 -31.59 6.25
C ALA A 16 -10.12 -31.04 4.84
N PRO A 17 -10.14 -29.70 4.61
CA PRO A 17 -9.80 -29.22 3.26
C PRO A 17 -8.37 -29.66 2.90
N THR A 18 -8.11 -29.98 1.64
CA THR A 18 -6.78 -30.45 1.27
C THR A 18 -6.29 -29.93 -0.09
N ALA A 19 -4.97 -29.85 -0.24
CA ALA A 19 -4.38 -29.41 -1.49
C ALA A 19 -3.02 -30.08 -1.67
N THR A 20 -2.68 -30.41 -2.91
CA THR A 20 -1.40 -31.02 -3.21
C THR A 20 -0.61 -29.99 -4.00
N LEU A 21 0.41 -29.43 -3.38
CA LEU A 21 1.22 -28.41 -4.03
C LEU A 21 1.98 -28.91 -5.23
N ALA A 22 2.64 -27.98 -5.90
CA ALA A 22 3.42 -28.26 -7.12
C ALA A 22 4.50 -29.33 -6.94
N ASN A 23 5.12 -29.35 -5.77
CA ASN A 23 6.17 -30.33 -5.49
C ASN A 23 5.63 -31.62 -4.89
N GLY A 24 4.36 -31.90 -5.08
CA GLY A 24 3.79 -33.13 -4.53
C GLY A 24 3.46 -33.11 -3.04
N ASP A 25 3.77 -32.02 -2.33
CA ASP A 25 3.46 -31.93 -0.90
C ASP A 25 1.96 -31.77 -0.73
N THR A 26 1.37 -32.48 0.22
CA THR A 26 -0.06 -32.33 0.42
C THR A 26 -0.35 -31.75 1.79
N ILE A 27 -0.99 -30.59 1.78
CA ILE A 27 -1.30 -29.87 2.99
C ILE A 27 -2.79 -29.89 3.32
N THR A 28 -3.08 -29.62 4.59
CA THR A 28 -4.44 -29.57 5.12
C THR A 28 -4.78 -28.13 5.54
N GLY A 29 -6.03 -27.73 5.35
CA GLY A 29 -6.46 -26.41 5.73
C GLY A 29 -7.50 -26.46 6.83
N LEU A 30 -8.30 -25.41 6.90
CA LEU A 30 -9.34 -25.28 7.90
C LEU A 30 -10.70 -25.10 7.24
N ASN A 31 -11.71 -25.79 7.76
CA ASN A 31 -13.05 -25.64 7.23
C ASN A 31 -13.78 -24.65 8.13
N ALA A 32 -13.88 -23.40 7.67
CA ALA A 32 -14.53 -22.36 8.44
C ALA A 32 -16.04 -22.32 8.19
N ILE A 33 -16.55 -23.37 7.55
CA ILE A 33 -17.97 -23.52 7.19
C ILE A 33 -18.34 -22.60 6.02
N ILE A 34 -18.16 -21.29 6.20
CA ILE A 34 -18.48 -20.33 5.14
C ILE A 34 -17.40 -20.20 4.08
N ASN A 35 -16.23 -20.78 4.34
CA ASN A 35 -15.13 -20.79 3.40
C ASN A 35 -14.10 -21.81 3.89
N GLU A 36 -13.10 -22.09 3.07
CA GLU A 36 -12.04 -23.02 3.42
C GLU A 36 -10.76 -22.21 3.38
N ALA A 37 -9.90 -22.37 4.36
CA ALA A 37 -8.70 -21.56 4.41
C ALA A 37 -7.44 -22.35 4.70
N PHE A 38 -6.35 -21.93 4.09
CA PHE A 38 -5.04 -22.53 4.26
C PHE A 38 -4.19 -21.32 4.65
N LEU A 39 -4.02 -21.14 5.95
CA LEU A 39 -3.31 -20.00 6.53
C LEU A 39 -1.92 -20.31 7.01
N GLY A 40 -1.01 -19.36 6.84
CA GLY A 40 0.35 -19.52 7.29
C GLY A 40 1.31 -20.37 6.46
N ILE A 41 1.08 -20.51 5.17
CA ILE A 41 1.96 -21.31 4.30
C ILE A 41 3.26 -20.54 3.99
N PRO A 42 4.43 -21.09 4.40
CA PRO A 42 5.73 -20.44 4.16
C PRO A 42 6.07 -20.40 2.68
N PHE A 43 6.41 -19.22 2.16
CA PHE A 43 6.76 -19.12 0.74
C PHE A 43 8.22 -18.78 0.50
N ALA A 44 8.94 -18.45 1.57
CA ALA A 44 10.35 -18.14 1.44
C ALA A 44 11.09 -18.55 2.69
N GLU A 45 12.41 -18.71 2.56
CA GLU A 45 13.27 -19.05 3.68
C GLU A 45 13.28 -17.82 4.61
N PRO A 46 13.24 -18.03 5.94
CA PRO A 46 13.24 -16.94 6.92
C PRO A 46 14.41 -15.96 6.70
N PRO A 47 14.09 -14.68 6.42
CA PRO A 47 15.04 -13.58 6.16
C PRO A 47 15.77 -13.09 7.41
N VAL A 48 16.24 -14.05 8.19
CA VAL A 48 16.91 -13.77 9.45
C VAL A 48 18.45 -13.81 9.32
N GLY A 49 19.14 -13.37 10.36
CA GLY A 49 20.59 -13.40 10.35
C GLY A 49 21.21 -12.69 9.16
N ASN A 50 22.07 -13.40 8.44
CA ASN A 50 22.73 -12.81 7.27
C ASN A 50 21.83 -12.65 6.05
N LEU A 51 20.59 -13.14 6.13
CA LEU A 51 19.63 -12.98 5.04
C LEU A 51 18.83 -11.66 5.19
N ARG A 52 19.06 -10.99 6.31
CA ARG A 52 18.41 -9.73 6.64
C ARG A 52 18.65 -8.71 5.54
N PHE A 53 17.61 -7.95 5.22
CA PHE A 53 17.62 -6.89 4.20
C PHE A 53 17.84 -7.42 2.77
N LYS A 54 18.08 -8.73 2.64
CA LYS A 54 18.34 -9.34 1.32
C LYS A 54 17.10 -9.88 0.62
N ASP A 55 17.17 -10.04 -0.69
CA ASP A 55 16.08 -10.57 -1.50
C ASP A 55 15.57 -11.87 -0.87
N PRO A 56 14.25 -12.15 -0.97
CA PRO A 56 13.74 -13.38 -0.38
C PRO A 56 14.25 -14.61 -1.12
N VAL A 57 14.45 -15.70 -0.40
CA VAL A 57 14.94 -16.93 -1.01
C VAL A 57 13.78 -17.90 -1.06
N PRO A 58 13.55 -18.52 -2.23
CA PRO A 58 12.45 -19.48 -2.39
C PRO A 58 12.43 -20.49 -1.25
N TYR A 59 11.24 -20.84 -0.80
CA TYR A 59 11.15 -21.79 0.28
C TYR A 59 11.51 -23.21 -0.13
N SER A 60 12.57 -23.72 0.49
CA SER A 60 13.04 -25.08 0.28
C SER A 60 12.53 -25.84 1.50
N GLY A 61 11.93 -27.00 1.29
CA GLY A 61 11.45 -27.76 2.43
C GLY A 61 10.24 -28.57 2.08
N SER A 62 9.74 -29.33 3.05
CA SER A 62 8.57 -30.16 2.81
C SER A 62 7.45 -29.71 3.73
N LEU A 63 6.28 -29.52 3.14
CA LEU A 63 5.06 -29.11 3.86
C LEU A 63 4.13 -30.30 3.85
N ASP A 64 4.62 -31.38 3.25
CA ASP A 64 3.85 -32.59 3.15
C ASP A 64 3.36 -32.99 4.51
N GLY A 65 2.07 -33.24 4.59
CA GLY A 65 1.45 -33.66 5.84
C GLY A 65 1.25 -32.54 6.84
N GLN A 66 1.49 -31.30 6.46
CA GLN A 66 1.30 -30.23 7.42
C GLN A 66 -0.08 -29.58 7.37
N LYS A 67 -0.52 -29.07 8.50
CA LYS A 67 -1.81 -28.42 8.61
C LYS A 67 -1.55 -26.92 8.64
N PHE A 68 -2.38 -26.17 7.91
CA PHE A 68 -2.24 -24.72 7.83
C PHE A 68 -3.55 -24.09 8.21
N THR A 69 -3.77 -24.02 9.52
CA THR A 69 -5.02 -23.53 10.06
C THR A 69 -5.03 -22.19 10.82
N SER A 70 -3.90 -21.49 10.89
CA SER A 70 -3.86 -20.17 11.55
C SER A 70 -2.81 -19.26 10.90
N TYR A 71 -3.05 -17.95 10.95
CA TYR A 71 -2.12 -16.96 10.38
C TYR A 71 -0.83 -17.01 11.15
N GLY A 72 0.28 -16.84 10.46
CA GLY A 72 1.56 -16.84 11.14
C GLY A 72 1.80 -15.44 11.70
N PRO A 73 2.96 -15.18 12.34
CA PRO A 73 3.17 -13.83 12.86
C PRO A 73 3.41 -12.90 11.68
N SER A 74 3.18 -11.61 11.92
CA SER A 74 3.40 -10.58 10.94
C SER A 74 4.88 -10.28 11.04
N CYS A 75 5.45 -9.55 10.09
CA CYS A 75 6.86 -9.20 10.16
C CYS A 75 7.00 -8.13 11.25
N MET A 76 8.22 -7.81 11.65
CA MET A 76 8.42 -6.80 12.68
C MET A 76 7.69 -5.50 12.32
N GLN A 77 7.13 -4.83 13.31
CA GLN A 77 6.36 -3.62 13.07
C GLN A 77 7.10 -2.41 13.61
N GLN A 78 6.95 -1.25 12.96
CA GLN A 78 7.58 -0.01 13.47
C GLN A 78 6.57 0.81 14.27
N ASN A 79 7.00 1.37 15.40
CA ASN A 79 6.14 2.23 16.23
C ASN A 79 5.85 3.42 15.31
N PRO A 80 4.59 3.58 14.87
CA PRO A 80 4.25 4.69 13.99
C PRO A 80 4.55 6.08 14.58
N GLU A 81 4.66 6.16 15.90
CA GLU A 81 4.99 7.41 16.57
C GLU A 81 6.48 7.40 16.89
N GLY A 82 7.20 6.44 16.34
CA GLY A 82 8.62 6.34 16.58
C GLY A 82 9.37 7.56 16.09
N THR A 83 10.54 7.81 16.65
CA THR A 83 11.34 8.95 16.26
C THR A 83 12.57 9.00 17.14
N TYR A 84 13.55 9.81 16.73
CA TYR A 84 14.77 9.95 17.52
C TYR A 84 14.52 10.85 18.74
N GLU A 85 13.40 11.57 18.72
CA GLU A 85 13.08 12.42 19.84
C GLU A 85 12.37 11.51 20.84
N GLU A 86 12.05 12.07 22.00
CA GLU A 86 11.34 11.34 23.01
C GLU A 86 10.10 12.13 23.33
N ASN A 87 8.95 11.46 23.31
CA ASN A 87 7.69 12.12 23.60
C ASN A 87 6.66 11.14 24.11
N LEU A 88 5.53 11.67 24.58
CA LEU A 88 4.43 10.87 25.11
C LEU A 88 3.84 9.83 24.16
N PRO A 89 3.39 10.22 22.95
CA PRO A 89 2.81 9.27 21.98
C PRO A 89 3.75 8.07 21.69
N LYS A 90 5.04 8.35 21.55
CA LYS A 90 6.03 7.32 21.29
C LYS A 90 6.12 6.35 22.46
N ALA A 91 6.29 6.91 23.65
CA ALA A 91 6.42 6.15 24.88
C ALA A 91 5.19 5.32 25.19
N ALA A 92 4.03 5.88 24.87
CA ALA A 92 2.75 5.21 25.11
C ALA A 92 2.57 4.04 24.17
N LEU A 93 2.90 4.24 22.89
CA LEU A 93 2.77 3.20 21.87
C LEU A 93 3.74 2.06 22.11
N ASP A 94 4.97 2.37 22.48
CA ASP A 94 5.94 1.32 22.77
C ASP A 94 5.46 0.53 23.97
N LEU A 95 4.83 1.22 24.92
CA LEU A 95 4.29 0.59 26.10
C LEU A 95 3.31 -0.49 25.67
N VAL A 96 2.35 -0.13 24.81
CA VAL A 96 1.34 -1.04 24.32
C VAL A 96 1.95 -2.15 23.47
N MET A 97 2.87 -1.76 22.61
CA MET A 97 3.51 -2.68 21.69
C MET A 97 4.33 -3.79 22.31
N GLN A 98 5.09 -3.49 23.35
CA GLN A 98 5.87 -4.54 23.98
C GLN A 98 5.12 -5.25 25.10
N SER A 99 3.82 -4.99 25.20
CA SER A 99 3.03 -5.62 26.24
C SER A 99 2.79 -7.08 25.86
N LYS A 100 2.94 -7.95 26.84
CA LYS A 100 2.77 -9.40 26.67
C LYS A 100 1.40 -9.80 26.10
N VAL A 101 0.41 -8.96 26.31
CA VAL A 101 -0.93 -9.24 25.80
C VAL A 101 -0.97 -8.94 24.31
N PHE A 102 -0.36 -7.83 23.93
CA PHE A 102 -0.29 -7.41 22.53
C PHE A 102 0.55 -8.43 21.76
N GLU A 103 1.66 -8.85 22.37
CA GLU A 103 2.56 -9.81 21.76
C GLU A 103 1.84 -11.12 21.52
N ALA A 104 0.83 -11.39 22.35
CA ALA A 104 0.05 -12.61 22.25
C ALA A 104 -1.04 -12.55 21.21
N VAL A 105 -1.86 -11.51 21.28
CA VAL A 105 -2.95 -11.36 20.32
C VAL A 105 -2.41 -10.95 18.95
N SER A 106 -1.26 -10.27 18.93
CA SER A 106 -0.67 -9.82 17.68
C SER A 106 0.85 -10.07 17.60
N PRO A 107 1.26 -11.32 17.35
CA PRO A 107 2.67 -11.72 17.25
C PRO A 107 3.31 -11.36 15.91
N SER A 108 4.56 -10.95 15.99
CA SER A 108 5.32 -10.55 14.82
C SER A 108 6.68 -11.22 14.96
N SER A 109 7.43 -11.28 13.87
CA SER A 109 8.73 -11.95 13.90
C SER A 109 9.45 -11.61 12.61
N GLU A 110 10.75 -11.82 12.58
CA GLU A 110 11.50 -11.60 11.35
C GLU A 110 11.20 -12.78 10.42
N ASP A 111 10.82 -13.91 11.01
CA ASP A 111 10.43 -15.07 10.24
C ASP A 111 8.92 -14.85 10.07
N CYS A 112 8.54 -14.26 8.93
CA CYS A 112 7.14 -13.91 8.75
C CYS A 112 6.62 -14.04 7.34
N LEU A 113 7.48 -14.44 6.42
CA LEU A 113 7.09 -14.57 5.03
C LEU A 113 6.15 -15.73 4.71
N THR A 114 4.88 -15.55 5.02
CA THR A 114 3.89 -16.59 4.76
C THR A 114 2.81 -16.10 3.81
N ILE A 115 2.10 -17.04 3.21
CA ILE A 115 1.04 -16.72 2.28
C ILE A 115 -0.27 -17.42 2.74
N ASN A 116 -1.42 -16.81 2.46
CA ASN A 116 -2.71 -17.38 2.88
C ASN A 116 -3.64 -17.51 1.69
N VAL A 117 -4.35 -18.64 1.61
CA VAL A 117 -5.31 -18.91 0.54
C VAL A 117 -6.70 -19.25 1.17
N VAL A 118 -7.71 -18.48 0.80
CA VAL A 118 -9.06 -18.68 1.32
C VAL A 118 -10.01 -18.79 0.11
N ARG A 119 -10.84 -19.83 0.08
CA ARG A 119 -11.73 -20.03 -1.05
C ARG A 119 -13.14 -20.43 -0.61
N PRO A 120 -14.09 -20.41 -1.55
CA PRO A 120 -15.49 -20.80 -1.30
C PRO A 120 -15.56 -22.29 -0.88
N PRO A 121 -16.50 -22.67 -0.01
CA PRO A 121 -16.55 -24.09 0.37
C PRO A 121 -16.80 -24.94 -0.87
N GLY A 122 -16.17 -26.10 -0.95
CA GLY A 122 -16.41 -26.97 -2.08
C GLY A 122 -15.53 -26.74 -3.28
N THR A 123 -14.58 -25.83 -3.14
CA THR A 123 -13.69 -25.59 -4.24
C THR A 123 -12.73 -26.74 -4.35
N LYS A 124 -12.40 -27.11 -5.60
CA LYS A 124 -11.51 -28.22 -5.91
C LYS A 124 -10.51 -27.81 -6.98
N ALA A 125 -9.36 -28.50 -7.02
CA ALA A 125 -8.32 -28.24 -8.01
C ALA A 125 -8.99 -28.24 -9.37
N GLY A 126 -8.59 -27.32 -10.24
CA GLY A 126 -9.21 -27.29 -11.55
C GLY A 126 -10.50 -26.46 -11.64
N ALA A 127 -10.99 -25.90 -10.54
CA ALA A 127 -12.19 -25.07 -10.60
C ALA A 127 -11.93 -23.88 -11.54
N ASN A 128 -10.68 -23.41 -11.55
CA ASN A 128 -10.24 -22.30 -12.38
C ASN A 128 -10.89 -20.96 -12.03
N LEU A 129 -11.08 -20.73 -10.74
CA LEU A 129 -11.68 -19.48 -10.27
C LEU A 129 -10.70 -18.34 -10.41
N PRO A 130 -11.21 -17.12 -10.63
CA PRO A 130 -10.36 -15.93 -10.76
C PRO A 130 -9.75 -15.73 -9.35
N VAL A 131 -8.53 -15.23 -9.30
CA VAL A 131 -7.85 -15.02 -8.03
C VAL A 131 -7.68 -13.54 -7.72
N MET A 132 -7.86 -13.17 -6.45
CA MET A 132 -7.68 -11.78 -6.02
C MET A 132 -6.58 -11.80 -4.98
N LEU A 133 -5.44 -11.22 -5.33
CA LEU A 133 -4.27 -11.18 -4.46
C LEU A 133 -4.22 -9.83 -3.74
N TRP A 134 -4.42 -9.85 -2.43
CA TRP A 134 -4.42 -8.66 -1.58
C TRP A 134 -3.05 -8.32 -1.02
N ILE A 135 -2.68 -7.04 -1.13
CA ILE A 135 -1.40 -6.50 -0.59
C ILE A 135 -1.82 -5.43 0.43
N PHE A 136 -1.49 -5.64 1.70
CA PHE A 136 -1.90 -4.71 2.74
C PHE A 136 -1.18 -3.35 2.79
N GLY A 137 -1.86 -2.35 3.38
CA GLY A 137 -1.31 -1.01 3.49
C GLY A 137 -0.52 -0.83 4.79
N GLY A 138 -0.50 0.37 5.35
CA GLY A 138 0.24 0.57 6.59
C GLY A 138 1.52 1.39 6.53
N GLY A 139 1.55 2.36 5.62
CA GLY A 139 2.69 3.25 5.46
C GLY A 139 4.06 2.67 5.25
N PHE A 140 4.12 1.44 4.69
CA PHE A 140 5.37 0.70 4.46
C PHE A 140 6.14 0.49 5.76
N GLU A 141 5.47 0.60 6.91
CA GLU A 141 6.10 0.47 8.23
C GLU A 141 5.44 -0.47 9.28
N VAL A 142 4.16 -0.78 9.08
CA VAL A 142 3.40 -1.69 9.95
C VAL A 142 2.50 -2.49 9.01
N GLY A 143 1.89 -3.54 9.53
CA GLY A 143 1.00 -4.31 8.70
C GLY A 143 1.18 -5.81 8.78
N GLY A 144 0.07 -6.50 8.48
CA GLY A 144 0.03 -7.95 8.49
C GLY A 144 -1.23 -8.38 7.77
N THR A 145 -1.25 -9.60 7.27
CA THR A 145 -2.40 -10.09 6.53
C THR A 145 -3.61 -10.50 7.36
N SER A 146 -3.37 -10.79 8.64
CA SER A 146 -4.42 -11.26 9.53
C SER A 146 -5.53 -10.28 9.80
N THR A 147 -5.25 -9.01 9.63
CA THR A 147 -6.25 -7.97 9.89
C THR A 147 -7.18 -7.65 8.73
N PHE A 148 -7.14 -8.46 7.67
CA PHE A 148 -7.98 -8.23 6.53
C PHE A 148 -8.78 -9.45 6.16
N PRO A 149 -9.89 -9.70 6.88
CA PRO A 149 -10.77 -10.85 6.65
C PRO A 149 -11.34 -10.92 5.22
N PRO A 150 -11.18 -12.07 4.54
CA PRO A 150 -11.65 -12.30 3.17
C PRO A 150 -13.09 -12.77 3.11
N ALA A 151 -13.61 -13.19 4.24
CA ALA A 151 -14.95 -13.71 4.30
C ALA A 151 -16.02 -12.87 3.61
N GLN A 152 -16.02 -11.55 3.84
CA GLN A 152 -17.02 -10.66 3.25
C GLN A 152 -16.90 -10.59 1.73
N MET A 153 -15.67 -10.55 1.23
CA MET A 153 -15.44 -10.50 -0.20
C MET A 153 -15.87 -11.86 -0.79
N ILE A 154 -15.45 -12.94 -0.12
CA ILE A 154 -15.78 -14.28 -0.60
C ILE A 154 -17.28 -14.56 -0.63
N THR A 155 -17.96 -14.34 0.49
CA THR A 155 -19.38 -14.59 0.52
C THR A 155 -20.12 -13.81 -0.58
N LYS A 156 -19.82 -12.54 -0.73
CA LYS A 156 -20.49 -11.75 -1.76
C LYS A 156 -20.23 -12.31 -3.16
N SER A 157 -19.04 -12.84 -3.42
CA SER A 157 -18.75 -13.38 -4.75
C SER A 157 -19.63 -14.59 -5.05
N ILE A 158 -19.81 -15.43 -4.04
CA ILE A 158 -20.65 -16.62 -4.18
C ILE A 158 -22.08 -16.19 -4.55
N ALA A 159 -22.62 -15.27 -3.77
CA ALA A 159 -23.96 -14.72 -3.94
C ALA A 159 -24.11 -14.03 -5.30
N MET A 160 -22.99 -13.66 -5.90
CA MET A 160 -23.01 -12.99 -7.20
C MET A 160 -22.88 -13.98 -8.34
N GLY A 161 -22.62 -15.24 -8.01
CA GLY A 161 -22.44 -16.21 -9.06
C GLY A 161 -21.08 -15.96 -9.67
N LYS A 162 -20.23 -15.27 -8.92
CA LYS A 162 -18.90 -14.95 -9.38
C LYS A 162 -17.90 -15.23 -8.26
N PRO A 163 -17.78 -16.50 -7.84
CA PRO A 163 -16.85 -16.86 -6.76
C PRO A 163 -15.38 -16.64 -7.14
N ILE A 164 -14.62 -16.14 -6.17
CA ILE A 164 -13.21 -15.87 -6.38
C ILE A 164 -12.42 -16.47 -5.23
N ILE A 165 -11.11 -16.54 -5.39
CA ILE A 165 -10.24 -17.06 -4.36
C ILE A 165 -9.42 -15.86 -3.88
N HIS A 166 -9.35 -15.70 -2.57
CA HIS A 166 -8.63 -14.60 -1.95
C HIS A 166 -7.25 -15.06 -1.52
N VAL A 167 -6.21 -14.37 -1.98
CA VAL A 167 -4.83 -14.70 -1.61
C VAL A 167 -4.19 -13.48 -0.95
N SER A 168 -3.57 -13.65 0.21
CA SER A 168 -2.92 -12.51 0.86
C SER A 168 -1.48 -12.88 1.15
N VAL A 169 -0.57 -11.91 1.03
CA VAL A 169 0.82 -12.18 1.23
C VAL A 169 1.50 -11.25 2.23
N ASN A 170 2.26 -11.85 3.14
CA ASN A 170 3.03 -11.11 4.13
C ASN A 170 4.28 -10.59 3.44
N TYR A 171 4.68 -9.38 3.78
CA TYR A 171 5.88 -8.81 3.22
C TYR A 171 6.52 -7.98 4.35
N ARG A 172 7.84 -7.82 4.27
CA ARG A 172 8.63 -7.08 5.25
C ARG A 172 8.37 -5.61 5.11
N VAL A 173 8.16 -4.94 6.24
CA VAL A 173 7.88 -3.51 6.27
C VAL A 173 8.96 -2.83 7.13
N SER A 174 9.02 -1.50 7.06
CA SER A 174 9.97 -0.70 7.82
C SER A 174 11.43 -0.96 7.43
N SER A 175 12.35 -0.84 8.37
CA SER A 175 13.76 -1.07 8.10
C SER A 175 14.05 -2.46 7.54
N TRP A 176 13.30 -3.43 8.04
CA TRP A 176 13.47 -4.80 7.62
C TRP A 176 13.26 -5.01 6.13
N GLY A 177 12.29 -4.32 5.56
CA GLY A 177 12.02 -4.52 4.14
C GLY A 177 12.28 -3.37 3.20
N PHE A 178 12.55 -2.20 3.75
CA PHE A 178 12.78 -1.04 2.92
C PHE A 178 13.98 -0.19 3.26
N LEU A 179 15.04 -0.82 3.78
CA LEU A 179 16.28 -0.11 4.11
C LEU A 179 16.89 0.33 2.76
N ALA A 180 17.49 1.52 2.74
CA ALA A 180 18.10 2.09 1.53
C ALA A 180 19.50 2.63 1.80
N GLY A 181 20.06 3.40 0.86
CA GLY A 181 21.39 3.97 1.03
C GLY A 181 22.41 3.43 0.05
N ASP A 182 23.68 3.83 0.21
CA ASP A 182 24.77 3.40 -0.70
C ASP A 182 25.17 1.94 -0.63
N GLU A 183 25.15 1.40 0.57
CA GLU A 183 25.52 0.02 0.80
C GLU A 183 24.47 -0.93 0.25
N ILE A 184 23.21 -0.64 0.58
CA ILE A 184 22.09 -1.46 0.11
C ILE A 184 22.10 -1.40 -1.40
N LYS A 185 22.29 -0.20 -1.92
CA LYS A 185 22.36 0.03 -3.35
C LYS A 185 23.45 -0.82 -3.97
N ALA A 186 24.67 -0.68 -3.47
CA ALA A 186 25.82 -1.43 -3.97
C ALA A 186 25.61 -2.93 -3.89
N GLU A 187 24.83 -3.36 -2.89
CA GLU A 187 24.58 -4.78 -2.70
C GLU A 187 23.49 -5.36 -3.61
N GLY A 188 22.60 -4.52 -4.11
CA GLY A 188 21.52 -4.99 -4.97
C GLY A 188 20.36 -5.48 -4.13
N SER A 189 20.27 -4.94 -2.92
CA SER A 189 19.24 -5.30 -1.96
C SER A 189 18.11 -4.26 -1.77
N ALA A 190 17.88 -3.41 -2.76
CA ALA A 190 16.83 -2.41 -2.64
C ALA A 190 15.42 -2.99 -2.69
N ASN A 191 14.49 -2.38 -1.96
CA ASN A 191 13.08 -2.80 -1.96
C ASN A 191 12.86 -4.28 -1.68
N ALA A 192 13.41 -4.77 -0.56
CA ALA A 192 13.29 -6.16 -0.19
C ALA A 192 11.82 -6.54 -0.03
N GLY A 193 11.07 -5.75 0.73
CA GLY A 193 9.64 -6.01 0.92
C GLY A 193 8.82 -6.16 -0.37
N LEU A 194 9.15 -5.37 -1.40
CA LEU A 194 8.44 -5.46 -2.68
C LEU A 194 8.79 -6.79 -3.36
N LYS A 195 10.01 -7.25 -3.15
CA LYS A 195 10.47 -8.52 -3.72
C LYS A 195 9.72 -9.65 -3.01
N ASP A 196 9.39 -9.45 -1.74
CA ASP A 196 8.64 -10.46 -1.01
C ASP A 196 7.30 -10.64 -1.71
N GLN A 197 6.61 -9.53 -1.98
CA GLN A 197 5.32 -9.55 -2.67
C GLN A 197 5.46 -10.23 -4.04
N ARG A 198 6.56 -9.94 -4.72
CA ARG A 198 6.87 -10.50 -6.05
C ARG A 198 7.03 -12.02 -6.03
N LEU A 199 7.73 -12.53 -5.03
CA LEU A 199 7.94 -13.96 -4.87
C LEU A 199 6.60 -14.63 -4.63
N GLY A 200 5.80 -14.03 -3.74
CA GLY A 200 4.47 -14.53 -3.45
C GLY A 200 3.68 -14.72 -4.74
N MET A 201 3.76 -13.74 -5.64
CA MET A 201 3.07 -13.82 -6.92
C MET A 201 3.54 -15.02 -7.72
N GLN A 202 4.85 -15.24 -7.71
CA GLN A 202 5.40 -16.37 -8.42
C GLN A 202 4.87 -17.66 -7.82
N TRP A 203 4.74 -17.69 -6.48
CA TRP A 203 4.22 -18.87 -5.77
C TRP A 203 2.79 -19.12 -6.20
N VAL A 204 2.02 -18.06 -6.33
CA VAL A 204 0.62 -18.18 -6.75
C VAL A 204 0.56 -18.78 -8.15
N ALA A 205 1.39 -18.29 -9.06
CA ALA A 205 1.42 -18.79 -10.43
C ALA A 205 1.68 -20.28 -10.47
N ASP A 206 2.64 -20.75 -9.66
CA ASP A 206 3.02 -22.17 -9.57
C ASP A 206 2.08 -23.10 -8.83
N ASN A 207 1.44 -22.61 -7.77
CA ASN A 207 0.59 -23.45 -6.94
C ASN A 207 -0.90 -23.21 -6.85
N ILE A 208 -1.40 -22.06 -7.28
CA ILE A 208 -2.82 -21.76 -7.11
C ILE A 208 -3.82 -22.72 -7.75
N ALA A 209 -3.40 -23.39 -8.82
CA ALA A 209 -4.24 -24.34 -9.54
C ALA A 209 -4.68 -25.49 -8.62
N ALA A 210 -3.77 -25.89 -7.72
CA ALA A 210 -4.05 -26.96 -6.74
C ALA A 210 -5.15 -26.59 -5.74
N PHE A 211 -5.35 -25.29 -5.54
CA PHE A 211 -6.38 -24.79 -4.62
C PHE A 211 -7.68 -24.50 -5.33
N GLY A 212 -7.66 -24.50 -6.66
CA GLY A 212 -8.87 -24.26 -7.43
C GLY A 212 -8.86 -22.98 -8.23
N GLY A 213 -7.79 -22.21 -8.13
CA GLY A 213 -7.73 -20.96 -8.86
C GLY A 213 -7.08 -21.08 -10.21
N ASP A 214 -7.28 -20.06 -11.04
CA ASP A 214 -6.73 -20.02 -12.40
C ASP A 214 -5.56 -19.05 -12.35
N PRO A 215 -4.32 -19.55 -12.57
CA PRO A 215 -3.14 -18.69 -12.54
C PRO A 215 -3.16 -17.56 -13.58
N THR A 216 -3.95 -17.73 -14.64
CA THR A 216 -4.05 -16.72 -15.70
C THR A 216 -5.10 -15.63 -15.39
N LYS A 217 -5.84 -15.79 -14.30
CA LYS A 217 -6.84 -14.82 -13.92
C LYS A 217 -6.57 -14.22 -12.56
N VAL A 218 -5.36 -13.72 -12.35
CA VAL A 218 -4.97 -13.09 -11.10
C VAL A 218 -5.11 -11.57 -11.21
N THR A 219 -5.79 -10.98 -10.23
CA THR A 219 -5.97 -9.53 -10.12
C THR A 219 -5.29 -9.14 -8.81
N ILE A 220 -4.40 -8.16 -8.86
CA ILE A 220 -3.71 -7.75 -7.64
C ILE A 220 -4.40 -6.49 -7.17
N PHE A 221 -4.51 -6.36 -5.86
CA PHE A 221 -5.14 -5.19 -5.31
C PHE A 221 -4.63 -4.85 -3.92
N GLY A 222 -4.66 -3.58 -3.58
CA GLY A 222 -4.20 -3.17 -2.27
C GLY A 222 -4.72 -1.81 -1.96
N GLU A 223 -4.52 -1.38 -0.72
CA GLU A 223 -4.96 -0.05 -0.29
C GLU A 223 -3.77 0.71 0.30
N SER A 224 -3.75 2.02 0.06
CA SER A 224 -2.68 2.90 0.51
C SER A 224 -1.31 2.33 0.13
N ALA A 225 -0.50 1.88 1.10
CA ALA A 225 0.83 1.39 0.76
C ALA A 225 0.71 0.15 -0.11
N GLY A 226 -0.38 -0.58 0.05
CA GLY A 226 -0.58 -1.76 -0.76
C GLY A 226 -0.92 -1.35 -2.18
N SER A 227 -1.56 -0.20 -2.30
CA SER A 227 -1.97 0.32 -3.61
C SER A 227 -0.75 0.81 -4.39
N MET A 228 0.13 1.52 -3.71
CA MET A 228 1.33 2.03 -4.34
C MET A 228 2.20 0.84 -4.74
N SER A 229 2.11 -0.24 -3.97
CA SER A 229 2.84 -1.48 -4.23
C SER A 229 2.37 -2.05 -5.54
N VAL A 230 1.06 -2.06 -5.76
CA VAL A 230 0.48 -2.54 -7.02
C VAL A 230 1.03 -1.68 -8.16
N MET A 231 1.17 -0.38 -7.94
CA MET A 231 1.70 0.53 -8.95
C MET A 231 3.13 0.16 -9.28
N CYS A 232 3.91 -0.10 -8.24
CA CYS A 232 5.29 -0.50 -8.41
C CYS A 232 5.37 -1.83 -9.20
N HIS A 233 4.38 -2.70 -9.02
CA HIS A 233 4.39 -3.97 -9.73
C HIS A 233 4.08 -3.78 -11.19
N ILE A 234 3.31 -2.75 -11.50
CA ILE A 234 2.95 -2.44 -12.88
C ILE A 234 4.18 -1.89 -13.57
N LEU A 235 5.00 -1.20 -12.79
CA LEU A 235 6.22 -0.55 -13.26
C LEU A 235 7.50 -1.42 -13.20
N TRP A 236 7.46 -2.48 -12.40
CA TRP A 236 8.58 -3.41 -12.21
C TRP A 236 9.14 -3.92 -13.53
N ASN A 237 10.47 -4.00 -13.58
CA ASN A 237 11.17 -4.50 -14.76
C ASN A 237 10.68 -3.85 -16.03
N ASP A 238 10.53 -2.54 -15.97
CA ASP A 238 10.08 -1.71 -17.09
C ASP A 238 8.78 -2.17 -17.74
N GLY A 239 7.95 -2.82 -16.95
CA GLY A 239 6.68 -3.28 -17.45
C GLY A 239 6.63 -4.76 -17.75
N ASP A 240 7.75 -5.46 -17.66
CA ASP A 240 7.72 -6.88 -17.93
C ASP A 240 7.24 -7.57 -16.67
N ASN A 241 6.00 -8.03 -16.72
CA ASN A 241 5.39 -8.69 -15.57
C ASN A 241 5.26 -10.20 -15.76
N THR A 242 6.06 -10.77 -16.64
CA THR A 242 5.98 -12.20 -16.90
C THR A 242 6.85 -13.06 -16.01
N TYR A 243 6.47 -14.33 -15.93
CA TYR A 243 7.15 -15.34 -15.15
C TYR A 243 6.92 -16.61 -15.94
N LYS A 244 8.01 -17.26 -16.36
CA LYS A 244 7.92 -18.49 -17.14
C LYS A 244 7.11 -18.31 -18.44
N GLY A 245 7.21 -17.11 -19.01
CA GLY A 245 6.52 -16.80 -20.25
C GLY A 245 5.10 -16.29 -20.16
N LYS A 246 4.59 -16.12 -18.95
CA LYS A 246 3.22 -15.65 -18.76
C LYS A 246 3.16 -14.53 -17.72
N PRO A 247 2.26 -13.55 -17.92
CA PRO A 247 2.13 -12.44 -16.97
C PRO A 247 1.70 -12.96 -15.62
N LEU A 248 2.16 -12.28 -14.57
CA LEU A 248 1.82 -12.65 -13.21
C LEU A 248 0.43 -12.17 -12.78
N PHE A 249 -0.16 -11.27 -13.55
CA PHE A 249 -1.50 -10.75 -13.22
C PHE A 249 -2.15 -10.10 -14.43
N ARG A 250 -3.46 -10.22 -14.54
CA ARG A 250 -4.21 -9.65 -15.66
C ARG A 250 -4.79 -8.26 -15.35
N ALA A 251 -4.83 -7.87 -14.09
CA ALA A 251 -5.39 -6.57 -13.73
C ALA A 251 -4.97 -6.13 -12.36
N GLY A 252 -5.31 -4.90 -12.01
CA GLY A 252 -4.99 -4.38 -10.69
C GLY A 252 -5.99 -3.36 -10.22
N ILE A 253 -6.22 -3.32 -8.91
CA ILE A 253 -7.15 -2.37 -8.31
C ILE A 253 -6.35 -1.63 -7.27
N MET A 254 -6.32 -0.32 -7.42
CA MET A 254 -5.58 0.56 -6.56
C MET A 254 -6.48 1.44 -5.68
N GLN A 255 -6.62 1.06 -4.42
CA GLN A 255 -7.40 1.78 -3.42
C GLN A 255 -6.56 2.79 -2.66
N SER A 256 -6.58 4.03 -3.12
CA SER A 256 -5.82 5.15 -2.52
C SER A 256 -4.29 5.08 -2.65
N GLY A 257 -3.77 5.51 -3.80
CA GLY A 257 -2.32 5.51 -3.96
C GLY A 257 -1.86 5.06 -5.31
N ALA A 258 -1.02 5.88 -5.95
CA ALA A 258 -0.50 5.60 -7.28
C ALA A 258 1.03 5.52 -7.21
N MET A 259 1.75 6.28 -8.04
CA MET A 259 3.22 6.24 -8.03
C MET A 259 3.73 6.80 -6.70
N VAL A 260 4.90 6.33 -6.28
CA VAL A 260 5.55 6.83 -5.06
C VAL A 260 6.52 7.97 -5.51
N PRO A 261 6.42 9.16 -4.89
CA PRO A 261 7.29 10.30 -5.25
C PRO A 261 8.57 10.26 -4.42
N SER A 262 9.47 9.36 -4.78
CA SER A 262 10.68 9.18 -4.03
C SER A 262 11.89 9.18 -4.88
N ASP A 263 13.00 9.59 -4.26
CA ASP A 263 14.33 9.64 -4.88
C ASP A 263 14.93 8.21 -4.91
N ALA A 264 16.04 8.07 -5.63
CA ALA A 264 16.72 6.78 -5.75
C ALA A 264 17.12 6.24 -4.38
N VAL A 265 17.40 4.95 -4.33
CA VAL A 265 17.78 4.26 -3.10
C VAL A 265 19.01 4.85 -2.42
N ASP A 266 19.94 5.38 -3.21
CA ASP A 266 21.15 5.98 -2.64
C ASP A 266 21.06 7.50 -2.63
N GLY A 267 19.83 8.02 -2.57
CA GLY A 267 19.62 9.45 -2.55
C GLY A 267 19.94 10.00 -1.19
N ILE A 268 19.68 11.30 -1.00
CA ILE A 268 19.99 11.95 0.27
C ILE A 268 19.23 11.45 1.51
N TYR A 269 17.91 11.32 1.44
CA TYR A 269 17.18 10.88 2.62
C TYR A 269 17.32 9.38 2.87
N GLY A 270 17.55 8.61 1.81
CA GLY A 270 17.71 7.17 1.96
C GLY A 270 18.97 6.93 2.74
N ASN A 271 20.02 7.69 2.40
CA ASN A 271 21.30 7.58 3.10
C ASN A 271 21.28 8.11 4.53
N GLU A 272 20.59 9.24 4.75
CA GLU A 272 20.47 9.87 6.08
C GLU A 272 19.85 8.87 7.06
N ILE A 273 18.76 8.24 6.65
CA ILE A 273 18.07 7.27 7.47
C ILE A 273 18.95 6.06 7.80
N PHE A 274 19.60 5.49 6.79
CA PHE A 274 20.50 4.36 6.98
C PHE A 274 21.53 4.67 8.05
N ASP A 275 22.18 5.83 7.94
CA ASP A 275 23.19 6.23 8.90
C ASP A 275 22.65 6.41 10.31
N LEU A 276 21.46 6.98 10.43
CA LEU A 276 20.82 7.19 11.73
C LEU A 276 20.51 5.86 12.40
N LEU A 277 19.97 4.94 11.61
CA LEU A 277 19.65 3.60 12.11
C LEU A 277 20.95 2.91 12.52
N ALA A 278 21.99 3.05 11.71
CA ALA A 278 23.27 2.40 12.00
C ALA A 278 23.83 2.93 13.32
N SER A 279 23.75 4.24 13.53
CA SER A 279 24.23 4.82 14.78
C SER A 279 23.40 4.29 15.93
N ASN A 280 22.08 4.26 15.72
CA ASN A 280 21.14 3.77 16.74
C ASN A 280 21.40 2.33 17.15
N ALA A 281 21.75 1.48 16.19
CA ALA A 281 22.04 0.08 16.49
C ALA A 281 23.42 -0.12 17.14
N GLY A 282 24.24 0.92 17.11
CA GLY A 282 25.58 0.87 17.67
C GLY A 282 26.59 0.42 16.64
N CYS A 283 26.30 0.77 15.39
CA CYS A 283 27.13 0.41 14.26
C CYS A 283 27.74 1.64 13.59
N GLY A 284 27.80 2.75 14.32
CA GLY A 284 28.35 3.97 13.76
C GLY A 284 29.82 3.90 13.43
N SER A 285 30.56 3.09 14.17
CA SER A 285 32.02 2.94 13.99
C SER A 285 32.42 1.86 12.99
N ALA A 286 31.47 1.04 12.57
CA ALA A 286 31.75 -0.05 11.65
C ALA A 286 32.19 0.45 10.27
N SER A 287 33.13 -0.27 9.67
CA SER A 287 33.62 0.06 8.35
C SER A 287 32.53 -0.38 7.38
N ASP A 288 31.92 -1.53 7.69
CA ASP A 288 30.83 -2.05 6.88
C ASP A 288 29.64 -2.04 7.80
N LYS A 289 28.85 -0.97 7.72
CA LYS A 289 27.69 -0.83 8.56
C LYS A 289 26.63 -1.88 8.28
N LEU A 290 26.50 -2.27 7.03
CA LEU A 290 25.50 -3.25 6.63
C LEU A 290 25.72 -4.59 7.34
N ALA A 291 26.94 -5.11 7.31
CA ALA A 291 27.22 -6.38 8.01
C ALA A 291 27.09 -6.19 9.52
N CYS A 292 27.32 -4.98 10.01
CA CYS A 292 27.18 -4.71 11.41
C CYS A 292 25.71 -4.85 11.78
N LEU A 293 24.83 -4.31 10.92
CA LEU A 293 23.39 -4.38 11.16
C LEU A 293 22.84 -5.81 11.12
N ARG A 294 23.46 -6.67 10.31
CA ARG A 294 23.04 -8.05 10.22
C ARG A 294 23.38 -8.81 11.51
N GLY A 295 24.35 -8.29 12.25
CA GLY A 295 24.75 -8.92 13.48
C GLY A 295 24.02 -8.53 14.75
N VAL A 296 23.36 -7.38 14.77
CA VAL A 296 22.67 -6.97 15.99
C VAL A 296 21.44 -7.86 16.23
N SER A 297 21.09 -8.05 17.50
CA SER A 297 19.93 -8.87 17.83
C SER A 297 18.66 -8.23 17.29
N SER A 298 17.58 -9.01 17.28
CA SER A 298 16.29 -8.52 16.81
C SER A 298 15.84 -7.36 17.68
N ASP A 299 16.05 -7.48 18.99
CA ASP A 299 15.64 -6.47 19.94
C ASP A 299 16.32 -5.15 19.62
N THR A 300 17.64 -5.20 19.47
CA THR A 300 18.46 -4.04 19.17
C THR A 300 18.00 -3.41 17.87
N LEU A 301 17.76 -4.25 16.87
CA LEU A 301 17.33 -3.75 15.58
C LEU A 301 15.93 -3.09 15.70
N GLU A 302 15.06 -3.68 16.51
CA GLU A 302 13.72 -3.15 16.71
C GLU A 302 13.78 -1.79 17.41
N ASP A 303 14.63 -1.70 18.42
CA ASP A 303 14.84 -0.48 19.19
C ASP A 303 15.38 0.63 18.31
N ALA A 304 16.41 0.30 17.53
CA ALA A 304 17.04 1.26 16.63
C ALA A 304 16.07 1.84 15.61
N THR A 305 15.17 0.99 15.08
CA THR A 305 14.16 1.38 14.11
C THR A 305 13.09 2.28 14.73
N ASN A 306 12.69 1.97 15.96
CA ASN A 306 11.68 2.77 16.64
C ASN A 306 12.23 4.12 17.05
N ASN A 307 13.53 4.32 16.80
CA ASN A 307 14.18 5.59 17.09
C ASN A 307 14.44 6.35 15.81
N THR A 308 13.80 5.92 14.75
CA THR A 308 13.87 6.63 13.49
C THR A 308 12.40 7.01 13.34
N PRO A 309 12.10 8.08 12.60
CA PRO A 309 10.71 8.51 12.43
C PRO A 309 9.67 7.53 11.89
N GLY A 310 8.55 7.45 12.58
CA GLY A 310 7.42 6.63 12.17
C GLY A 310 6.52 7.56 11.37
N PHE A 311 5.55 7.01 10.64
CA PHE A 311 4.68 7.84 9.79
C PHE A 311 3.70 8.80 10.46
N LEU A 312 3.46 8.63 11.76
CA LEU A 312 2.55 9.49 12.50
C LEU A 312 3.33 10.54 13.25
N ALA A 313 4.66 10.44 13.19
CA ALA A 313 5.51 11.43 13.85
C ALA A 313 5.51 12.71 13.00
N TYR A 314 6.08 13.79 13.53
CA TYR A 314 6.14 15.09 12.86
C TYR A 314 6.54 15.02 11.39
N SER A 315 7.51 14.16 11.05
CA SER A 315 7.94 13.99 9.66
C SER A 315 6.79 13.55 8.73
N SER A 316 5.81 12.88 9.34
CA SER A 316 4.62 12.47 8.63
C SER A 316 4.89 11.59 7.39
N LEU A 317 4.37 12.03 6.25
CA LEU A 317 4.49 11.28 5.01
C LEU A 317 5.84 11.30 4.31
N ARG A 318 6.79 12.08 4.83
CA ARG A 318 8.15 12.10 4.28
C ARG A 318 8.73 10.89 5.01
N LEU A 319 8.35 9.71 4.50
CA LEU A 319 8.68 8.42 5.06
C LEU A 319 10.13 8.03 5.15
N SER A 320 10.46 7.38 6.25
CA SER A 320 11.78 6.87 6.54
C SER A 320 12.03 5.61 5.68
N TYR A 321 10.97 4.84 5.40
CA TYR A 321 11.09 3.59 4.63
C TYR A 321 9.97 3.54 3.60
N LEU A 322 10.33 3.34 2.34
CA LEU A 322 9.33 3.30 1.27
C LEU A 322 10.03 2.85 -0.02
N PRO A 323 9.25 2.49 -1.07
CA PRO A 323 9.88 2.06 -2.32
C PRO A 323 10.65 3.22 -2.95
N ARG A 324 11.84 2.93 -3.45
CA ARG A 324 12.68 3.93 -4.10
C ARG A 324 13.27 3.35 -5.36
N PRO A 325 13.34 4.16 -6.44
CA PRO A 325 13.92 3.66 -7.70
C PRO A 325 15.36 3.14 -7.44
N ASP A 326 15.71 2.01 -8.02
CA ASP A 326 17.04 1.44 -7.80
C ASP A 326 17.88 1.26 -9.04
N GLY A 327 17.35 1.61 -10.21
CA GLY A 327 18.11 1.45 -11.44
C GLY A 327 18.19 0.01 -11.94
N VAL A 328 17.52 -0.93 -11.26
CA VAL A 328 17.53 -2.32 -11.68
C VAL A 328 16.10 -2.87 -11.87
N ASN A 329 15.27 -2.91 -10.80
CA ASN A 329 13.89 -3.40 -10.94
C ASN A 329 12.88 -2.25 -11.11
N ILE A 330 13.18 -1.11 -10.50
CA ILE A 330 12.39 0.11 -10.69
C ILE A 330 13.52 0.95 -11.27
N THR A 331 13.58 1.04 -12.59
CA THR A 331 14.67 1.73 -13.27
C THR A 331 14.78 3.24 -13.26
N ASP A 332 13.78 3.93 -12.76
CA ASP A 332 13.82 5.38 -12.80
C ASP A 332 12.69 5.98 -11.99
N ASP A 333 12.69 7.30 -11.89
CA ASP A 333 11.68 8.12 -11.26
C ASP A 333 10.38 7.50 -11.76
N MET A 334 9.50 7.10 -10.84
CA MET A 334 8.26 6.45 -11.22
C MET A 334 7.30 7.26 -12.06
N TYR A 335 7.33 8.59 -11.94
CA TYR A 335 6.48 9.45 -12.76
C TYR A 335 7.01 9.42 -14.20
N ALA A 336 8.33 9.37 -14.35
CA ALA A 336 8.99 9.31 -15.65
C ALA A 336 8.70 7.97 -16.34
N LEU A 337 8.65 6.88 -15.58
CA LEU A 337 8.38 5.56 -16.15
C LEU A 337 6.97 5.53 -16.76
N VAL A 338 6.05 6.25 -16.11
CA VAL A 338 4.65 6.37 -16.54
C VAL A 338 4.57 7.27 -17.78
N ARG A 339 5.33 8.36 -17.81
CA ARG A 339 5.32 9.22 -18.99
C ARG A 339 5.99 8.45 -20.12
N GLU A 340 7.04 7.71 -19.79
CA GLU A 340 7.78 6.95 -20.79
C GLU A 340 7.13 5.67 -21.27
N GLY A 341 6.01 5.27 -20.66
CA GLY A 341 5.31 4.06 -21.08
C GLY A 341 5.87 2.72 -20.65
N LYS A 342 6.72 2.74 -19.62
CA LYS A 342 7.35 1.54 -19.09
C LYS A 342 6.49 0.91 -18.01
N TYR A 343 5.40 0.30 -18.44
CA TYR A 343 4.44 -0.33 -17.54
C TYR A 343 3.78 -1.47 -18.26
N ALA A 344 3.16 -2.34 -17.47
CA ALA A 344 2.44 -3.49 -18.00
C ALA A 344 1.15 -2.96 -18.59
N ASN A 345 0.68 -3.61 -19.64
CA ASN A 345 -0.54 -3.15 -20.26
C ASN A 345 -1.68 -3.98 -19.72
N ILE A 346 -2.38 -3.42 -18.75
CA ILE A 346 -3.49 -4.12 -18.12
C ILE A 346 -4.62 -3.18 -17.75
N PRO A 347 -5.87 -3.69 -17.73
CA PRO A 347 -6.99 -2.83 -17.35
C PRO A 347 -6.80 -2.58 -15.85
N VAL A 348 -7.22 -1.41 -15.38
CA VAL A 348 -7.06 -1.05 -13.98
C VAL A 348 -8.23 -0.24 -13.40
N ILE A 349 -8.37 -0.33 -12.08
CA ILE A 349 -9.34 0.46 -11.33
C ILE A 349 -8.47 1.18 -10.31
N ILE A 350 -8.63 2.49 -10.18
CA ILE A 350 -7.85 3.24 -9.21
C ILE A 350 -8.75 4.34 -8.66
N GLY A 351 -8.84 4.42 -7.35
CA GLY A 351 -9.71 5.42 -6.76
C GLY A 351 -9.10 6.03 -5.54
N ASP A 352 -9.85 6.92 -4.89
CA ASP A 352 -9.42 7.62 -3.66
C ASP A 352 -10.57 7.89 -2.71
N GLN A 353 -10.23 8.19 -1.47
CA GLN A 353 -11.23 8.56 -0.48
C GLN A 353 -11.08 10.08 -0.52
N ASN A 354 -12.17 10.81 -0.35
CA ASN A 354 -12.12 12.25 -0.43
C ASN A 354 -11.08 13.01 0.42
N ASP A 355 -10.94 12.64 1.68
CA ASP A 355 -10.03 13.33 2.59
C ASP A 355 -8.87 12.45 3.09
N GLU A 356 -8.03 12.01 2.16
CA GLU A 356 -6.88 11.14 2.46
C GLU A 356 -5.88 11.72 3.46
N GLY A 357 -5.66 13.02 3.42
CA GLY A 357 -4.65 13.63 4.27
C GLY A 357 -4.98 14.12 5.65
N THR A 358 -6.25 14.07 6.05
CA THR A 358 -6.63 14.57 7.36
C THR A 358 -6.07 13.80 8.56
N PHE A 359 -5.91 12.48 8.42
CA PHE A 359 -5.39 11.72 9.54
C PHE A 359 -3.92 12.08 9.67
N PHE A 360 -3.25 12.19 8.53
CA PHE A 360 -1.84 12.53 8.51
C PHE A 360 -1.54 13.98 8.93
N GLY A 361 -2.50 14.87 8.72
CA GLY A 361 -2.33 16.27 9.09
C GLY A 361 -2.34 16.49 10.60
N THR A 362 -2.75 15.49 11.37
CA THR A 362 -2.78 15.63 12.82
C THR A 362 -1.36 15.59 13.42
N SER A 363 -0.38 15.20 12.61
CA SER A 363 1.02 15.08 13.03
C SER A 363 1.79 16.37 13.15
N SER A 364 1.30 17.43 12.53
CA SER A 364 1.99 18.71 12.55
C SER A 364 1.13 19.83 13.12
N LEU A 365 0.32 19.50 14.13
CA LEU A 365 -0.58 20.47 14.73
C LEU A 365 0.10 21.55 15.58
N ASN A 366 1.44 21.63 15.56
CA ASN A 366 2.13 22.68 16.29
C ASN A 366 2.48 23.77 15.29
N VAL A 367 2.10 23.55 14.04
CA VAL A 367 2.29 24.49 12.94
C VAL A 367 0.97 25.25 12.85
N THR A 368 1.01 26.55 13.15
CA THR A 368 -0.20 27.34 13.18
C THR A 368 -0.17 28.64 12.37
N THR A 369 1.00 29.09 11.94
CA THR A 369 1.06 30.34 11.18
C THR A 369 1.60 30.00 9.81
N ASP A 370 1.29 30.84 8.83
CA ASP A 370 1.78 30.62 7.48
C ASP A 370 3.28 30.54 7.45
N ALA A 371 3.95 31.29 8.32
CA ALA A 371 5.40 31.26 8.35
C ALA A 371 5.83 29.85 8.70
N GLN A 372 5.17 29.25 9.70
CA GLN A 372 5.50 27.88 10.09
C GLN A 372 5.14 26.86 8.99
N ALA A 373 4.06 27.10 8.24
CA ALA A 373 3.64 26.21 7.17
C ALA A 373 4.71 26.16 6.08
N ARG A 374 5.22 27.34 5.70
CA ARG A 374 6.25 27.46 4.69
C ARG A 374 7.49 26.67 5.08
N GLU A 375 7.84 26.69 6.35
CA GLU A 375 9.02 25.98 6.79
C GLU A 375 8.80 24.49 6.90
N TYR A 376 7.57 24.07 7.22
CA TYR A 376 7.28 22.65 7.33
C TYR A 376 7.37 22.08 5.94
N PHE A 377 6.79 22.78 4.97
CA PHE A 377 6.85 22.33 3.57
C PHE A 377 8.29 22.32 3.10
N LYS A 378 9.04 23.36 3.43
CA LYS A 378 10.45 23.49 3.05
C LYS A 378 11.27 22.30 3.61
N GLN A 379 10.91 21.86 4.82
CA GLN A 379 11.57 20.72 5.47
C GLN A 379 11.12 19.41 4.84
N SER A 380 9.89 19.38 4.37
CA SER A 380 9.33 18.19 3.77
C SER A 380 9.81 17.92 2.36
N PHE A 381 9.93 18.99 1.57
CA PHE A 381 10.35 18.84 0.19
C PHE A 381 11.67 19.58 0.00
N VAL A 382 12.77 18.89 0.24
CA VAL A 382 14.10 19.48 0.11
C VAL A 382 14.51 19.96 -1.27
N HIS A 383 13.88 19.43 -2.33
CA HIS A 383 14.22 19.79 -3.71
C HIS A 383 13.43 20.96 -4.26
N ALA A 384 12.42 21.41 -3.53
CA ALA A 384 11.59 22.51 -4.01
C ALA A 384 12.22 23.88 -3.80
N SER A 385 12.15 24.72 -4.83
CA SER A 385 12.70 26.06 -4.75
C SER A 385 11.68 26.95 -4.07
N ASP A 386 12.10 28.14 -3.64
CA ASP A 386 11.21 29.09 -3.01
C ASP A 386 10.02 29.43 -3.87
N ALA A 387 10.24 29.63 -5.16
CA ALA A 387 9.16 29.94 -6.08
C ALA A 387 8.15 28.79 -6.07
N GLU A 388 8.66 27.56 -6.07
CA GLU A 388 7.79 26.39 -6.04
C GLU A 388 6.98 26.35 -4.75
N ILE A 389 7.64 26.67 -3.64
CA ILE A 389 6.95 26.70 -2.36
C ILE A 389 5.89 27.80 -2.38
N ASP A 390 6.17 28.91 -3.06
CA ASP A 390 5.22 29.99 -3.14
C ASP A 390 4.00 29.58 -3.92
N THR A 391 4.22 28.88 -5.03
CA THR A 391 3.13 28.42 -5.84
C THR A 391 2.27 27.43 -5.07
N LEU A 392 2.91 26.53 -4.33
CA LEU A 392 2.17 25.52 -3.55
C LEU A 392 1.26 26.20 -2.55
N MET A 393 1.77 27.27 -1.95
CA MET A 393 1.02 28.02 -0.95
C MET A 393 -0.02 28.97 -1.51
N THR A 394 0.01 29.19 -2.82
CA THR A 394 -0.98 30.03 -3.50
C THR A 394 -2.06 29.05 -3.94
N ALA A 395 -1.62 27.93 -4.51
CA ALA A 395 -2.49 26.85 -4.97
C ALA A 395 -3.22 26.23 -3.77
N TYR A 396 -2.58 26.15 -2.61
CA TYR A 396 -3.23 25.62 -1.40
C TYR A 396 -3.15 26.70 -0.33
N PRO A 397 -4.11 27.64 -0.35
CA PRO A 397 -4.25 28.79 0.55
C PRO A 397 -4.58 28.45 2.00
N GLY A 398 -4.36 29.45 2.86
CA GLY A 398 -4.63 29.31 4.28
C GLY A 398 -6.11 29.37 4.60
N ASP A 399 -6.88 29.86 3.63
CA ASP A 399 -8.32 29.98 3.76
C ASP A 399 -8.89 28.62 4.22
N ILE A 400 -9.31 28.55 5.49
CA ILE A 400 -9.81 27.31 6.07
C ILE A 400 -11.00 26.70 5.37
N THR A 401 -11.75 27.48 4.60
CA THR A 401 -12.87 26.90 3.91
C THR A 401 -12.38 26.11 2.69
N GLN A 402 -11.10 26.26 2.35
CA GLN A 402 -10.48 25.61 1.17
C GLN A 402 -9.85 24.25 1.45
N GLY A 403 -9.58 23.97 2.71
CA GLY A 403 -8.93 22.72 3.04
C GLY A 403 -9.76 21.47 3.22
N SER A 404 -9.06 20.42 3.60
CA SER A 404 -9.61 19.10 3.86
C SER A 404 -9.82 18.95 5.37
N PRO A 405 -10.97 18.40 5.82
CA PRO A 405 -12.13 17.86 5.11
C PRO A 405 -12.79 18.86 4.16
N PHE A 406 -12.76 18.54 2.88
CA PHE A 406 -13.30 19.41 1.87
C PHE A 406 -14.79 19.69 2.04
N ASP A 407 -15.19 20.91 1.68
CA ASP A 407 -16.56 21.40 1.76
C ASP A 407 -17.14 21.48 3.16
N THR A 408 -16.31 21.76 4.15
CA THR A 408 -16.80 21.88 5.52
C THR A 408 -16.82 23.31 6.03
N GLY A 409 -16.58 24.27 5.15
CA GLY A 409 -16.61 25.64 5.59
C GLY A 409 -15.62 25.99 6.68
N ILE A 410 -16.12 26.62 7.74
CA ILE A 410 -15.26 27.04 8.85
C ILE A 410 -15.12 26.00 9.94
N LEU A 411 -15.62 24.80 9.69
CA LEU A 411 -15.52 23.72 10.66
C LEU A 411 -14.18 23.03 10.54
N ASN A 412 -13.77 22.35 11.62
CA ASN A 412 -12.52 21.58 11.67
C ASN A 412 -11.27 22.42 11.70
N ALA A 413 -11.34 23.58 12.32
CA ALA A 413 -10.17 24.43 12.38
C ALA A 413 -9.32 24.10 13.60
N LEU A 414 -8.77 22.89 13.66
CA LEU A 414 -7.93 22.50 14.80
C LEU A 414 -6.86 23.60 14.96
N THR A 415 -6.33 24.06 13.83
CA THR A 415 -5.37 25.16 13.78
C THR A 415 -5.64 25.86 12.46
N PRO A 416 -5.08 27.05 12.26
CA PRO A 416 -5.29 27.78 11.02
C PRO A 416 -4.64 27.10 9.81
N GLN A 417 -3.78 26.12 10.04
CA GLN A 417 -3.07 25.43 8.96
C GLN A 417 -3.42 23.94 8.73
N PHE A 418 -4.19 23.34 9.63
CA PHE A 418 -4.56 21.92 9.55
C PHE A 418 -5.20 21.48 8.24
N LYS A 419 -6.27 22.16 7.86
CA LYS A 419 -6.98 21.78 6.65
C LYS A 419 -6.14 21.99 5.39
N ARG A 420 -5.23 22.95 5.46
CA ARG A 420 -4.33 23.27 4.37
C ARG A 420 -3.27 22.16 4.18
N ILE A 421 -2.57 21.83 5.26
CA ILE A 421 -1.55 20.79 5.26
C ILE A 421 -2.17 19.46 4.83
N SER A 422 -3.35 19.15 5.37
CA SER A 422 -4.09 17.94 5.02
C SER A 422 -4.44 17.90 3.54
N ALA A 423 -4.72 19.07 2.94
CA ALA A 423 -5.08 19.14 1.52
C ALA A 423 -3.89 18.80 0.63
N VAL A 424 -2.72 19.30 1.02
CA VAL A 424 -1.46 19.06 0.29
C VAL A 424 -1.03 17.59 0.33
N LEU A 425 -0.90 17.07 1.56
CA LEU A 425 -0.50 15.68 1.81
C LEU A 425 -1.37 14.68 1.08
N GLY A 426 -2.69 14.87 1.14
CA GLY A 426 -3.61 13.97 0.47
C GLY A 426 -3.52 14.03 -1.05
N ASP A 427 -3.35 15.23 -1.59
CA ASP A 427 -3.25 15.41 -3.05
C ASP A 427 -1.96 14.87 -3.64
N LEU A 428 -0.83 15.25 -3.04
CA LEU A 428 0.46 14.79 -3.52
C LEU A 428 0.59 13.30 -3.30
N GLY A 429 0.26 12.86 -2.09
CA GLY A 429 0.39 11.45 -1.79
C GLY A 429 -0.58 10.52 -2.48
N PHE A 430 -1.80 10.99 -2.78
CA PHE A 430 -2.77 10.09 -3.38
C PHE A 430 -3.66 10.61 -4.56
N THR A 431 -4.58 11.50 -4.23
CA THR A 431 -5.57 12.02 -5.19
C THR A 431 -5.15 12.68 -6.51
N LEU A 432 -4.22 13.62 -6.49
CA LEU A 432 -3.81 14.25 -7.73
C LEU A 432 -2.78 13.38 -8.44
N ALA A 433 -2.08 12.58 -7.66
CA ALA A 433 -1.08 11.63 -8.16
C ALA A 433 -1.81 10.60 -9.04
N ARG A 434 -3.02 10.21 -8.62
CA ARG A 434 -3.86 9.27 -9.38
C ARG A 434 -4.26 9.91 -10.73
N ARG A 435 -4.62 11.19 -10.71
CA ARG A 435 -4.99 11.91 -11.94
C ARG A 435 -3.83 11.94 -12.92
N TYR A 436 -2.61 12.13 -12.41
CA TYR A 436 -1.42 12.16 -13.23
C TYR A 436 -1.25 10.83 -13.95
N PHE A 437 -1.38 9.74 -13.20
CA PHE A 437 -1.22 8.42 -13.78
C PHE A 437 -2.27 8.22 -14.87
N LEU A 438 -3.51 8.49 -14.54
CA LEU A 438 -4.63 8.31 -15.44
C LEU A 438 -4.46 9.11 -16.73
N ASN A 439 -3.94 10.33 -16.62
CA ASN A 439 -3.73 11.16 -17.81
C ASN A 439 -2.58 10.70 -18.69
N HIS A 440 -1.78 9.73 -18.24
CA HIS A 440 -0.64 9.26 -19.03
C HIS A 440 -0.65 7.79 -19.39
N TYR A 441 -1.30 6.98 -18.57
CA TYR A 441 -1.38 5.55 -18.78
C TYR A 441 -2.26 5.17 -19.95
N THR A 442 -1.69 4.50 -20.95
CA THR A 442 -2.44 4.06 -22.11
C THR A 442 -2.44 2.53 -22.16
N GLY A 443 -2.00 1.91 -21.08
CA GLY A 443 -1.89 0.47 -21.03
C GLY A 443 -3.12 -0.39 -21.24
N GLY A 444 -4.27 0.08 -20.79
CA GLY A 444 -5.50 -0.66 -20.93
C GLY A 444 -6.62 0.24 -20.43
N THR A 445 -7.82 -0.31 -20.32
CA THR A 445 -9.00 0.43 -19.86
C THR A 445 -8.82 0.94 -18.45
N LYS A 446 -9.31 2.14 -18.18
CA LYS A 446 -9.19 2.71 -16.84
C LYS A 446 -10.56 3.06 -16.25
N TYR A 447 -10.73 2.80 -14.97
CA TYR A 447 -11.97 3.10 -14.26
C TYR A 447 -11.51 3.77 -12.98
N SER A 448 -12.15 4.86 -12.59
CA SER A 448 -11.72 5.55 -11.37
C SER A 448 -12.91 5.92 -10.47
N PHE A 449 -12.73 5.87 -9.15
CA PHE A 449 -13.80 6.25 -8.23
C PHE A 449 -13.31 7.25 -7.18
N LEU A 450 -14.24 8.00 -6.61
CA LEU A 450 -13.93 8.94 -5.54
C LEU A 450 -15.02 8.77 -4.49
N SER A 451 -14.65 8.38 -3.28
CA SER A 451 -15.64 8.20 -2.24
C SER A 451 -15.80 9.38 -1.32
N LYS A 452 -17.05 9.70 -1.03
CA LYS A 452 -17.41 10.78 -0.13
C LYS A 452 -18.39 10.14 0.85
N GLN A 453 -18.20 8.84 1.06
CA GLN A 453 -19.09 8.08 1.91
C GLN A 453 -19.21 8.61 3.31
N LEU A 454 -18.13 9.16 3.86
CA LEU A 454 -18.17 9.65 5.23
C LEU A 454 -18.24 11.17 5.39
N SER A 455 -18.81 11.87 4.41
CA SER A 455 -18.94 13.32 4.49
C SER A 455 -19.70 13.64 5.78
N GLY A 456 -19.26 14.68 6.48
CA GLY A 456 -19.90 15.07 7.71
C GLY A 456 -19.23 14.47 8.95
N LEU A 457 -18.26 13.58 8.75
CA LEU A 457 -17.55 12.99 9.88
C LEU A 457 -16.56 14.05 10.38
N PRO A 458 -16.76 14.56 11.60
CA PRO A 458 -15.88 15.59 12.17
C PRO A 458 -14.40 15.28 12.13
N VAL A 459 -13.62 16.33 11.90
CA VAL A 459 -12.17 16.28 11.86
C VAL A 459 -11.54 15.54 10.68
N LEU A 460 -12.03 14.34 10.43
CA LEU A 460 -11.46 13.50 9.38
C LEU A 460 -12.14 13.40 8.03
N GLY A 461 -13.46 13.53 8.00
CA GLY A 461 -14.19 13.37 6.75
C GLY A 461 -14.07 11.93 6.25
N THR A 462 -14.01 11.75 4.93
CA THR A 462 -13.87 10.40 4.38
C THR A 462 -12.36 10.15 4.33
N PHE A 463 -11.81 9.81 5.50
CA PHE A 463 -10.38 9.59 5.70
C PHE A 463 -9.80 8.30 5.12
N HIS A 464 -8.46 8.24 5.06
CA HIS A 464 -7.78 7.08 4.52
C HIS A 464 -8.09 5.78 5.25
N SER A 465 -8.20 4.72 4.44
CA SER A 465 -8.46 3.35 4.89
C SER A 465 -9.89 3.05 5.40
N ASN A 466 -10.79 4.03 5.36
CA ASN A 466 -12.16 3.75 5.81
C ASN A 466 -12.75 2.69 4.88
N ASP A 467 -12.21 2.59 3.66
CA ASP A 467 -12.71 1.60 2.70
C ASP A 467 -12.49 0.15 3.16
N ILE A 468 -11.48 -0.06 4.00
CA ILE A 468 -11.17 -1.39 4.55
C ILE A 468 -12.36 -1.86 5.41
N VAL A 469 -12.98 -0.93 6.14
CA VAL A 469 -14.12 -1.25 6.99
C VAL A 469 -15.24 -1.84 6.11
N PHE A 470 -15.65 -1.08 5.08
CA PHE A 470 -16.74 -1.48 4.19
C PHE A 470 -16.42 -2.54 3.16
N GLN A 471 -15.19 -3.02 3.19
CA GLN A 471 -14.74 -4.07 2.28
C GLN A 471 -14.55 -5.39 3.01
N ASP A 472 -14.12 -5.32 4.27
CA ASP A 472 -13.81 -6.50 5.08
C ASP A 472 -14.60 -6.68 6.37
N TYR A 473 -15.20 -5.60 6.87
CA TYR A 473 -15.91 -5.62 8.15
C TYR A 473 -17.41 -5.31 8.18
N LEU A 474 -17.78 -4.11 7.75
CA LEU A 474 -19.17 -3.68 7.77
C LEU A 474 -19.69 -3.54 6.37
N LEU A 475 -21.01 -3.62 6.23
CA LEU A 475 -21.67 -3.47 4.93
C LEU A 475 -22.16 -2.02 4.85
N GLY A 476 -21.90 -1.36 3.71
CA GLY A 476 -22.33 0.03 3.55
C GLY A 476 -22.46 0.34 2.07
N SER A 477 -22.89 1.55 1.72
CA SER A 477 -23.04 1.92 0.31
C SER A 477 -21.77 1.66 -0.45
N GLY A 478 -20.63 1.89 0.21
CA GLY A 478 -19.33 1.68 -0.40
C GLY A 478 -19.04 0.22 -0.78
N SER A 479 -19.57 -0.71 0.00
CA SER A 479 -19.36 -2.15 -0.26
C SER A 479 -19.73 -2.52 -1.71
N LEU A 480 -20.69 -1.82 -2.30
CA LEU A 480 -21.10 -2.07 -3.68
C LEU A 480 -19.92 -1.95 -4.61
N ILE A 481 -19.00 -1.06 -4.28
CA ILE A 481 -17.81 -0.85 -5.07
C ILE A 481 -16.69 -1.74 -4.55
N TYR A 482 -16.42 -1.66 -3.24
CA TYR A 482 -15.36 -2.43 -2.61
C TYR A 482 -15.45 -3.95 -2.73
N ASN A 483 -16.65 -4.50 -2.79
CA ASN A 483 -16.78 -5.95 -2.95
C ASN A 483 -17.34 -6.21 -4.34
N ASN A 484 -18.62 -5.90 -4.54
CA ASN A 484 -19.30 -6.17 -5.82
C ASN A 484 -18.57 -5.76 -7.07
N ALA A 485 -18.42 -4.44 -7.26
CA ALA A 485 -17.74 -3.91 -8.45
C ALA A 485 -16.34 -4.49 -8.61
N PHE A 486 -15.63 -4.69 -7.51
CA PHE A 486 -14.27 -5.24 -7.55
C PHE A 486 -14.26 -6.71 -7.96
N ILE A 487 -15.28 -7.45 -7.53
CA ILE A 487 -15.46 -8.86 -7.86
C ILE A 487 -15.77 -9.02 -9.38
N ALA A 488 -16.67 -8.20 -9.91
CA ALA A 488 -17.02 -8.24 -11.33
C ALA A 488 -15.80 -7.93 -12.23
N PHE A 489 -14.96 -7.00 -11.80
CA PHE A 489 -13.73 -6.62 -12.51
C PHE A 489 -12.73 -7.80 -12.53
N ALA A 490 -12.49 -8.40 -11.36
CA ALA A 490 -11.58 -9.53 -11.25
C ALA A 490 -12.06 -10.71 -12.13
N THR A 491 -13.38 -10.84 -12.25
CA THR A 491 -13.99 -11.90 -13.04
C THR A 491 -14.13 -11.63 -14.54
N ASP A 492 -14.69 -10.47 -14.89
CA ASP A 492 -14.93 -10.14 -16.29
C ASP A 492 -14.13 -9.00 -16.89
N LEU A 493 -13.29 -8.36 -16.05
CA LEU A 493 -12.48 -7.21 -16.44
C LEU A 493 -13.31 -5.96 -16.72
N ASP A 494 -14.51 -5.92 -16.17
CA ASP A 494 -15.44 -4.82 -16.35
C ASP A 494 -16.31 -4.79 -15.11
N PRO A 495 -16.25 -3.69 -14.33
CA PRO A 495 -17.05 -3.58 -13.11
C PRO A 495 -18.56 -3.53 -13.38
N ASN A 496 -18.92 -3.20 -14.61
CA ASN A 496 -20.33 -3.10 -15.00
C ASN A 496 -21.03 -4.45 -15.06
N THR A 497 -20.28 -5.54 -14.98
CA THR A 497 -20.95 -6.84 -15.00
C THR A 497 -21.63 -7.08 -13.64
N ALA A 498 -21.25 -6.27 -12.64
CA ALA A 498 -21.81 -6.36 -11.28
C ALA A 498 -23.31 -6.08 -11.28
N GLY A 499 -23.79 -5.43 -12.33
CA GLY A 499 -25.20 -5.12 -12.40
C GLY A 499 -25.63 -4.13 -11.34
N LEU A 500 -24.90 -3.01 -11.24
CA LEU A 500 -25.26 -1.98 -10.29
C LEU A 500 -26.15 -1.03 -11.09
N LEU A 501 -26.98 -0.24 -10.40
CA LEU A 501 -27.85 0.68 -11.11
C LEU A 501 -27.18 1.89 -11.72
N VAL A 502 -25.97 2.20 -11.29
CA VAL A 502 -25.24 3.31 -11.86
C VAL A 502 -24.12 2.74 -12.72
N LYS A 503 -24.18 3.01 -14.02
CA LYS A 503 -23.16 2.53 -14.94
C LYS A 503 -21.86 3.31 -14.70
N TRP A 504 -20.77 2.56 -14.67
CA TRP A 504 -19.45 3.11 -14.42
C TRP A 504 -18.77 3.46 -15.72
N PRO A 505 -18.59 4.77 -15.97
CA PRO A 505 -17.94 5.26 -17.19
C PRO A 505 -16.41 5.04 -17.19
N GLU A 506 -15.91 4.74 -18.37
CA GLU A 506 -14.49 4.51 -18.57
C GLU A 506 -13.82 5.87 -18.45
N TYR A 507 -12.62 5.90 -17.90
CA TYR A 507 -11.90 7.15 -17.74
C TYR A 507 -10.83 7.22 -18.84
N THR A 508 -10.83 8.28 -19.65
CA THR A 508 -9.80 8.43 -20.68
C THR A 508 -8.88 9.59 -20.34
N SER A 509 -9.45 10.65 -19.80
CA SER A 509 -8.67 11.82 -19.45
C SER A 509 -9.43 12.72 -18.50
N SER A 510 -8.72 13.56 -17.75
CA SER A 510 -9.37 14.47 -16.80
C SER A 510 -9.97 15.66 -17.56
N SER A 511 -9.63 15.77 -18.82
CA SER A 511 -10.11 16.86 -19.67
C SER A 511 -11.26 16.40 -20.56
N GLN A 512 -11.63 15.14 -20.44
CA GLN A 512 -12.72 14.59 -21.24
C GLN A 512 -14.02 15.24 -20.82
N SER A 513 -14.95 15.38 -21.77
CA SER A 513 -16.25 15.95 -21.48
C SER A 513 -17.06 14.77 -20.95
N GLY A 514 -17.95 15.03 -20.01
CA GLY A 514 -18.75 13.96 -19.45
C GLY A 514 -18.12 13.37 -18.20
N ASN A 515 -18.97 12.89 -17.31
CA ASN A 515 -18.54 12.30 -16.06
C ASN A 515 -17.59 11.13 -16.29
N ASN A 516 -16.53 11.09 -15.50
CA ASN A 516 -15.55 10.03 -15.63
C ASN A 516 -15.21 9.37 -14.30
N LEU A 517 -15.90 9.77 -13.24
CA LEU A 517 -15.69 9.19 -11.90
C LEU A 517 -16.90 8.56 -11.28
N MET A 518 -16.72 7.36 -10.73
CA MET A 518 -17.79 6.69 -9.99
C MET A 518 -17.66 7.36 -8.61
N MET A 519 -18.77 7.76 -8.03
CA MET A 519 -18.74 8.42 -6.74
C MET A 519 -19.66 7.72 -5.77
N ILE A 520 -19.28 7.77 -4.50
CA ILE A 520 -20.03 7.09 -3.44
C ILE A 520 -20.36 8.08 -2.35
N ASN A 521 -21.62 8.10 -1.94
CA ASN A 521 -22.02 8.95 -0.82
C ASN A 521 -22.72 8.02 0.16
N ALA A 522 -23.24 8.56 1.26
CA ALA A 522 -23.90 7.74 2.25
C ALA A 522 -25.08 6.91 1.72
N LEU A 523 -25.81 7.45 0.74
CA LEU A 523 -26.97 6.78 0.18
C LEU A 523 -26.69 5.81 -0.97
N GLY A 524 -25.62 6.04 -1.72
CA GLY A 524 -25.29 5.17 -2.83
C GLY A 524 -24.25 5.70 -3.79
N LEU A 525 -24.45 5.42 -5.07
CA LEU A 525 -23.53 5.79 -6.12
C LEU A 525 -24.12 6.84 -7.04
N TYR A 526 -23.24 7.51 -7.78
CA TYR A 526 -23.57 8.55 -8.74
C TYR A 526 -22.26 8.86 -9.44
N THR A 527 -22.29 9.60 -10.55
CA THR A 527 -21.06 9.89 -11.26
C THR A 527 -20.69 11.39 -11.22
N GLY A 528 -19.40 11.68 -11.33
CA GLY A 528 -18.93 13.05 -11.29
C GLY A 528 -17.75 13.23 -12.21
N LYS A 529 -17.14 14.41 -12.14
CA LYS A 529 -15.99 14.78 -12.95
C LYS A 529 -14.73 14.87 -12.10
N ASP A 530 -13.59 14.51 -12.69
CA ASP A 530 -12.31 14.55 -12.00
C ASP A 530 -11.60 15.82 -12.45
N ASN A 531 -12.20 16.96 -12.12
CA ASN A 531 -11.69 18.28 -12.50
C ASN A 531 -11.47 19.22 -11.32
N PHE A 532 -11.37 18.68 -10.13
CA PHE A 532 -11.16 19.52 -8.95
C PHE A 532 -9.69 19.85 -8.71
N ARG A 533 -9.45 21.00 -8.11
CA ARG A 533 -8.11 21.47 -7.75
C ARG A 533 -7.02 21.39 -8.82
N THR A 534 -7.32 21.92 -9.99
CA THR A 534 -6.39 21.96 -11.10
C THR A 534 -5.18 22.82 -10.79
N ALA A 535 -5.35 23.84 -9.95
CA ALA A 535 -4.23 24.71 -9.58
C ALA A 535 -3.19 23.91 -8.78
N GLY A 536 -3.67 23.08 -7.87
CA GLY A 536 -2.78 22.27 -7.08
C GLY A 536 -2.03 21.27 -7.94
N TYR A 537 -2.76 20.65 -8.87
CA TYR A 537 -2.21 19.64 -9.77
C TYR A 537 -1.01 20.17 -10.51
N ASP A 538 -1.10 21.38 -11.00
CA ASP A 538 0.04 21.92 -11.71
C ASP A 538 1.13 22.44 -10.79
N ALA A 539 0.73 22.90 -9.60
CA ALA A 539 1.71 23.38 -8.62
C ALA A 539 2.63 22.20 -8.26
N LEU A 540 2.03 21.03 -8.16
CA LEU A 540 2.70 19.79 -7.78
C LEU A 540 3.37 19.04 -8.92
N PHE A 541 2.68 18.97 -10.04
CA PHE A 541 3.15 18.17 -11.14
C PHE A 541 3.80 18.79 -12.37
N SER A 542 4.02 20.11 -12.34
CA SER A 542 4.69 20.77 -13.45
C SER A 542 6.10 20.16 -13.52
N ASN A 543 6.67 19.92 -12.35
CA ASN A 543 7.96 19.25 -12.24
C ASN A 543 7.89 18.39 -11.00
N PRO A 544 7.37 17.17 -11.16
CA PRO A 544 7.22 16.24 -10.04
C PRO A 544 8.42 16.01 -9.11
N PRO A 545 9.66 15.90 -9.65
CA PRO A 545 10.81 15.68 -8.76
C PRO A 545 11.09 16.77 -7.73
N SER A 546 10.45 17.92 -7.86
CA SER A 546 10.65 19.01 -6.90
C SER A 546 9.99 18.68 -5.57
N PHE A 547 9.04 17.76 -5.62
CA PHE A 547 8.30 17.37 -4.42
C PHE A 547 8.52 15.95 -3.96
N PHE A 548 9.64 15.37 -4.37
CA PHE A 548 10.02 14.00 -4.00
C PHE A 548 10.70 13.96 -2.61
N VAL A 549 10.54 12.83 -1.95
CA VAL A 549 11.12 12.60 -0.64
C VAL A 549 12.23 11.56 -0.75
C1 NAG B . 6.89 20.99 16.06
C2 NAG B . 7.99 21.99 15.95
C3 NAG B . 9.23 21.42 15.35
C4 NAG B . 9.65 20.15 16.13
C5 NAG B . 8.52 19.18 16.07
C6 NAG B . 8.82 17.80 16.62
C7 NAG B . 7.09 24.18 15.49
C8 NAG B . 6.59 25.10 14.35
N2 NAG B . 7.50 22.98 15.05
O3 NAG B . 10.21 22.40 15.41
O4 NAG B . 10.79 19.56 15.50
O5 NAG B . 7.41 19.82 16.74
O6 NAG B . 9.29 17.84 17.94
O7 NAG B . 7.13 24.51 16.68
C1 NAG B . 11.84 19.07 16.29
C2 NAG B . 12.78 18.33 15.32
C3 NAG B . 14.13 18.00 15.99
C4 NAG B . 14.76 19.25 16.61
C5 NAG B . 13.70 19.88 17.57
C6 NAG B . 14.14 21.22 18.22
C7 NAG B . 11.93 16.79 13.66
C8 NAG B . 11.26 15.43 13.51
N2 NAG B . 12.16 17.09 14.93
O3 NAG B . 15.06 17.45 15.07
O4 NAG B . 16.00 18.84 17.27
O5 NAG B . 12.49 20.18 16.84
O6 NAG B . 14.26 22.25 17.23
O7 NAG B . 12.22 17.54 12.74
C1 NAG C . 15.56 -7.41 -10.93
C2 NAG C . 14.84 -8.71 -11.21
C3 NAG C . 15.87 -9.78 -11.77
C4 NAG C . 16.63 -9.31 -12.96
C5 NAG C . 17.29 -7.95 -12.61
C6 NAG C . 17.81 -7.26 -13.92
C7 NAG C . 12.90 -9.42 -9.84
C8 NAG C . 12.43 -9.88 -8.46
N2 NAG C . 14.20 -9.16 -9.97
O3 NAG C . 15.20 -11.00 -12.26
O4 NAG C . 17.56 -10.37 -13.25
O5 NAG C . 16.34 -7.04 -12.06
O6 NAG C . 16.79 -7.00 -14.89
O7 NAG C . 12.10 -9.32 -10.78
CA CA D . 26.54 6.79 4.90
CA CA E . 5.30 0.13 -23.19
S DSC F . -1.22 4.26 3.75
O1S DSC F . -2.20 4.55 4.74
O2S DSC F . -0.51 3.03 3.87
C1 DSC F . -0.10 5.67 3.61
C2 DSC F . 0.99 5.48 2.55
C3 DSC F . 1.93 6.67 2.61
C4 DSC F . 2.68 6.84 1.33
C5 DSC F . 3.57 8.04 1.40
C6 DSC F . 4.39 8.16 0.17
C7 DSC F . 5.23 9.42 0.22
C8 DSC F . 4.37 10.65 0.16
C9 DSC F . 5.26 11.87 -0.02
C10 DSC F . 4.45 13.13 -0.14
C11 DSC F . 4.04 13.65 1.21
C12 DSC F . 5.27 14.25 1.87
S DSC G . -3.84 5.04 8.54
O1S DSC G . -2.93 4.09 8.02
O2S DSC G . -3.42 5.77 9.66
C1 DSC G . -5.50 4.32 8.74
C2 DSC G . -5.93 4.70 10.13
C3 DSC G . -7.40 4.42 10.42
C4 DSC G . -7.64 4.72 11.90
C5 DSC G . -9.05 5.22 12.17
C6 DSC G . -9.10 6.03 13.46
C7 DSC G . -10.48 6.63 13.63
C8 DSC G . -10.68 7.28 14.99
C9 DSC G . -12.15 7.56 15.24
C10 DSC G . -12.99 6.27 15.21
C11 DSC G . -14.48 6.55 15.45
C12 DSC G . -15.24 5.24 15.45
#